data_7L5R
#
_entry.id   7L5R
#
_cell.length_a   48.813
_cell.length_b   96.346
_cell.length_c   125.137
_cell.angle_alpha   90.000
_cell.angle_beta   90.000
_cell.angle_gamma   90.000
#
_symmetry.space_group_name_H-M   'P 21 21 21'
#
loop_
_entity.id
_entity.type
_entity.pdbx_description
1 polymer Beta-lactamase
2 polymer Beta-lactamase
3 non-polymer GLYCEROL
4 non-polymer 'SULFATE ION'
5 water water
#
loop_
_entity_poly.entity_id
_entity_poly.type
_entity_poly.pdbx_seq_one_letter_code
_entity_poly.pdbx_strand_id
1 'polypeptide(L)'
;SNSITENTSWNKEFSAEAVNGVFVLCKSSSKSCATNDLARASKEYLPASTF(KCX)IPNAIIGLETGVIKNEHQVFKWDG
KPRAMKQWERDLTLRGAIQVSAVPVFQQIAREVGEVRMQKYLKKFSYGNQNISGGIDKFWLEDQLRISAVNQVEFLESLY
LNKLSASKENQLIVKEALVTEAAPEYLVHSKTGFSGVGTESNPGVAWWVGWVEKETEVYFFAFNMDIDNESKLPLRKSIP
TKIMESEGIIGG
;
A
2 'polypeptide(L)'
;SNSITENTSWNKEFSAEAVNGVFVLCKSSSKSCATNDLARASKEYLPASTFKIPNAIIGLETGVIKNEHQVFKWDGKPRA
MKQWERDLTLRGAIQVSAVPVFQQIAREVGEVRMQKYLKKFSYGNQNISGGIDKFWLEDQLRISAVNQVEFLESLYLNKL
SASKENQLIVKEALVTEAAPEYLVHSKTGFSGVGTESNPGVAWWVGWVEKETEVYFFAFNMDIDNESKLPLRKSIPTKIM
ESEGIIGG
;
B
#
loop_
_chem_comp.id
_chem_comp.type
_chem_comp.name
_chem_comp.formula
GOL non-polymer GLYCEROL 'C3 H8 O3'
SO4 non-polymer 'SULFATE ION' 'O4 S -2'
#
# COMPACT_ATOMS: atom_id res chain seq x y z
N SER A 1 12.54 -23.68 -18.69
CA SER A 1 11.09 -23.33 -18.79
C SER A 1 10.97 -21.81 -18.92
N ASN A 2 11.43 -21.07 -17.90
CA ASN A 2 11.44 -19.59 -17.97
C ASN A 2 12.51 -19.16 -18.97
N SER A 3 12.22 -18.12 -19.77
CA SER A 3 13.19 -17.57 -20.74
C SER A 3 13.56 -16.14 -20.33
N ILE A 4 14.80 -15.75 -20.62
CA ILE A 4 15.33 -14.39 -20.40
C ILE A 4 15.74 -13.88 -21.78
N THR A 5 15.20 -12.74 -22.22
CA THR A 5 15.51 -12.23 -23.58
C THR A 5 16.23 -10.88 -23.47
N GLU A 6 17.34 -10.75 -24.18
CA GLU A 6 18.16 -9.52 -24.14
C GLU A 6 17.81 -8.67 -25.36
N ASN A 7 17.47 -7.40 -25.12
CA ASN A 7 17.13 -6.39 -26.16
C ASN A 7 18.13 -5.23 -26.04
N THR A 8 18.20 -4.35 -27.04
CA THR A 8 19.07 -3.16 -26.91
C THR A 8 18.22 -1.90 -26.73
N SER A 9 16.88 -2.03 -26.63
CA SER A 9 16.01 -0.82 -26.64
C SER A 9 16.18 0.04 -25.38
N TRP A 10 16.80 -0.48 -24.32
CA TRP A 10 17.00 0.37 -23.09
C TRP A 10 18.46 0.78 -22.96
N ASN A 11 19.33 0.36 -23.87
CA ASN A 11 20.79 0.61 -23.68
C ASN A 11 21.12 2.10 -23.57
N LYS A 12 20.34 2.98 -24.21
CA LYS A 12 20.64 4.43 -24.17
C LYS A 12 20.37 4.98 -22.77
N GLU A 13 19.41 4.41 -22.04
CA GLU A 13 19.11 4.89 -20.66
C GLU A 13 20.33 4.62 -19.77
N PHE A 14 21.13 3.59 -20.10
CA PHE A 14 22.33 3.25 -19.31
C PHE A 14 23.54 4.05 -19.78
N SER A 15 23.78 4.08 -21.10
CA SER A 15 24.99 4.75 -21.65
C SER A 15 24.89 6.26 -21.45
N ALA A 16 23.68 6.83 -21.48
CA ALA A 16 23.52 8.29 -21.26
C ALA A 16 24.11 8.69 -19.91
N GLU A 17 24.07 7.77 -18.94
CA GLU A 17 24.52 8.07 -17.55
C GLU A 17 25.84 7.36 -17.23
N ALA A 18 26.45 6.70 -18.22
CA ALA A 18 27.72 5.96 -18.02
C ALA A 18 27.56 4.93 -16.90
N VAL A 19 26.42 4.22 -16.91
CA VAL A 19 26.12 3.22 -15.84
C VAL A 19 26.30 1.80 -16.36
N ASN A 20 27.01 0.99 -15.58
CA ASN A 20 27.16 -0.48 -15.81
C ASN A 20 26.13 -1.16 -14.93
N GLY A 21 25.09 -1.73 -15.53
CA GLY A 21 24.03 -2.30 -14.69
C GLY A 21 23.07 -3.14 -15.49
N VAL A 22 22.01 -3.59 -14.83
CA VAL A 22 21.04 -4.47 -15.50
C VAL A 22 19.63 -4.12 -15.03
N PHE A 23 18.70 -4.18 -15.95
CA PHE A 23 17.27 -4.05 -15.62
C PHE A 23 16.60 -5.33 -16.12
N VAL A 24 15.79 -5.94 -15.27
CA VAL A 24 14.99 -7.12 -15.65
C VAL A 24 13.52 -6.73 -15.47
N LEU A 25 12.70 -6.93 -16.50
CA LEU A 25 11.27 -6.55 -16.48
C LEU A 25 10.44 -7.71 -17.01
N CYS A 26 9.44 -8.15 -16.25
CA CYS A 26 8.61 -9.31 -16.64
C CYS A 26 7.13 -8.92 -16.54
N LYS A 27 6.39 -9.09 -17.63
CA LYS A 27 4.93 -8.80 -17.62
C LYS A 27 4.16 -10.07 -17.21
N SER A 28 3.23 -9.94 -16.27
CA SER A 28 2.29 -11.03 -15.86
C SER A 28 2.97 -12.04 -14.94
N SER A 29 4.16 -12.51 -15.31
CA SER A 29 4.84 -13.60 -14.58
C SER A 29 6.33 -13.60 -14.93
N SER A 30 7.11 -14.43 -14.22
CA SER A 30 8.57 -14.55 -14.48
C SER A 30 8.86 -15.54 -15.62
N LYS A 31 7.82 -16.06 -16.29
CA LYS A 31 7.99 -17.05 -17.40
C LYS A 31 8.83 -16.44 -18.54
N SER A 32 8.61 -15.15 -18.81
N SER A 32 8.62 -15.15 -18.82
CA SER A 32 9.36 -14.43 -19.87
CA SER A 32 9.37 -14.44 -19.88
C SER A 32 9.83 -13.08 -19.33
C SER A 32 9.84 -13.09 -19.35
N CYS A 33 11.15 -12.92 -19.17
CA CYS A 33 11.70 -11.64 -18.68
C CYS A 33 12.54 -10.98 -19.78
N ALA A 34 12.53 -9.65 -19.82
CA ALA A 34 13.32 -8.86 -20.77
C ALA A 34 14.43 -8.16 -20.02
N THR A 35 15.60 -8.04 -20.65
CA THR A 35 16.75 -7.41 -19.97
C THR A 35 17.66 -6.72 -20.98
N ASN A 36 18.47 -5.78 -20.50
CA ASN A 36 19.51 -5.18 -21.36
C ASN A 36 20.78 -6.05 -21.34
N ASP A 37 20.88 -6.98 -20.37
CA ASP A 37 22.16 -7.72 -20.22
C ASP A 37 21.89 -9.11 -19.64
N LEU A 38 21.80 -10.09 -20.54
CA LEU A 38 21.49 -11.50 -20.21
C LEU A 38 22.46 -12.05 -19.15
N ALA A 39 23.76 -11.81 -19.30
CA ALA A 39 24.74 -12.34 -18.33
C ALA A 39 24.53 -11.69 -16.96
N ARG A 40 24.42 -10.37 -16.92
CA ARG A 40 24.32 -9.70 -15.59
C ARG A 40 22.96 -9.99 -14.95
N ALA A 41 21.93 -10.28 -15.73
CA ALA A 41 20.57 -10.52 -15.20
C ALA A 41 20.61 -11.66 -14.16
N SER A 42 21.43 -12.68 -14.38
CA SER A 42 21.47 -13.86 -13.47
C SER A 42 22.70 -13.83 -12.56
N LYS A 43 23.54 -12.80 -12.66
CA LYS A 43 24.73 -12.70 -11.78
CA LYS A 43 24.74 -12.68 -11.79
C LYS A 43 24.28 -12.30 -10.37
N GLU A 44 24.83 -12.97 -9.37
CA GLU A 44 24.38 -12.76 -7.97
C GLU A 44 25.20 -11.65 -7.32
N TYR A 45 24.52 -10.72 -6.64
CA TYR A 45 25.14 -9.61 -5.91
C TYR A 45 24.63 -9.53 -4.47
N LEU A 46 25.41 -8.92 -3.59
CA LEU A 46 24.95 -8.70 -2.19
C LEU A 46 23.59 -7.99 -2.24
N PRO A 47 22.56 -8.44 -1.50
CA PRO A 47 21.25 -7.78 -1.57
C PRO A 47 21.15 -6.44 -0.83
N ALA A 48 22.02 -6.23 0.17
CA ALA A 48 21.95 -4.99 0.98
C ALA A 48 20.53 -4.82 1.52
N SER A 49 19.98 -3.60 1.55
CA SER A 49 18.64 -3.43 2.19
C SER A 49 17.50 -4.09 1.40
N THR A 50 17.73 -4.67 0.21
CA THR A 50 16.59 -5.40 -0.41
C THR A 50 16.31 -6.65 0.44
N PHE A 51 17.24 -7.04 1.30
CA PHE A 51 17.06 -8.20 2.19
C PHE A 51 15.99 -7.90 3.24
N KCX A 52 15.61 -6.63 3.39
CA KCX A 52 14.60 -6.34 4.40
CB KCX A 52 14.46 -4.82 4.61
CG KCX A 52 15.61 -4.18 5.36
CD KCX A 52 15.43 -2.72 5.70
CE KCX A 52 16.55 -2.21 6.60
NZ KCX A 52 17.86 -2.28 5.99
C KCX A 52 13.28 -7.00 4.03
O KCX A 52 12.46 -7.21 4.91
CX KCX A 52 18.71 -3.34 6.15
OQ1 KCX A 52 19.76 -3.43 5.53
OQ2 KCX A 52 18.37 -4.23 7.05
N ILE A 53 13.07 -7.33 2.74
CA ILE A 53 11.82 -7.96 2.35
C ILE A 53 11.75 -9.36 2.96
N PRO A 54 12.66 -10.32 2.66
CA PRO A 54 12.58 -11.63 3.32
C PRO A 54 12.74 -11.53 4.84
N ASN A 55 13.58 -10.61 5.31
CA ASN A 55 13.79 -10.49 6.77
C ASN A 55 12.46 -10.12 7.46
N ALA A 56 11.66 -9.25 6.84
CA ALA A 56 10.37 -8.85 7.45
C ALA A 56 9.41 -10.05 7.44
N ILE A 57 9.35 -10.77 6.33
CA ILE A 57 8.45 -11.97 6.25
C ILE A 57 8.85 -12.98 7.33
N ILE A 58 10.14 -13.25 7.45
CA ILE A 58 10.66 -14.22 8.45
C ILE A 58 10.39 -13.71 9.87
N GLY A 59 10.60 -12.40 10.10
CA GLY A 59 10.30 -11.83 11.42
C GLY A 59 8.86 -12.08 11.80
N LEU A 60 7.93 -11.91 10.85
CA LEU A 60 6.50 -12.12 11.14
C LEU A 60 6.20 -13.62 11.32
N GLU A 61 6.75 -14.46 10.45
N GLU A 61 6.72 -14.44 10.41
CA GLU A 61 6.40 -15.90 10.49
CA GLU A 61 6.49 -15.90 10.46
C GLU A 61 6.98 -16.58 11.74
C GLU A 61 6.90 -16.45 11.83
N THR A 62 8.08 -16.04 12.29
CA THR A 62 8.68 -16.57 13.55
C THR A 62 8.06 -15.91 14.78
N GLY A 63 7.26 -14.85 14.61
CA GLY A 63 6.66 -14.19 15.77
C GLY A 63 7.59 -13.16 16.40
N VAL A 64 8.79 -12.99 15.84
CA VAL A 64 9.77 -11.98 16.33
C VAL A 64 9.11 -10.61 16.14
N ILE A 65 8.47 -10.43 14.99
CA ILE A 65 7.59 -9.25 14.71
C ILE A 65 6.20 -9.74 15.13
N LYS A 66 5.66 -9.14 16.20
CA LYS A 66 4.44 -9.69 16.86
C LYS A 66 3.23 -9.62 15.94
N ASN A 67 3.09 -8.53 15.18
CA ASN A 67 1.88 -8.41 14.32
C ASN A 67 2.03 -7.19 13.40
N GLU A 68 1.01 -6.97 12.58
CA GLU A 68 0.96 -5.87 11.57
C GLU A 68 1.33 -4.51 12.19
N HIS A 69 0.84 -4.23 13.40
CA HIS A 69 0.97 -2.88 14.00
C HIS A 69 2.14 -2.77 14.99
N GLN A 70 3.09 -3.70 14.91
CA GLN A 70 4.31 -3.68 15.75
C GLN A 70 5.00 -2.30 15.67
N VAL A 71 5.34 -1.72 16.82
CA VAL A 71 6.19 -0.49 16.80
C VAL A 71 7.56 -0.90 17.30
N PHE A 72 8.60 -0.59 16.53
CA PHE A 72 10.00 -0.87 16.95
C PHE A 72 10.47 0.35 17.73
N LYS A 73 10.59 0.21 19.05
CA LYS A 73 10.94 1.38 19.89
C LYS A 73 12.44 1.71 19.79
N TRP A 74 12.75 3.00 19.76
CA TRP A 74 14.16 3.47 19.81
C TRP A 74 14.59 3.56 21.29
N ASP A 75 15.66 2.87 21.67
CA ASP A 75 16.15 2.83 23.07
C ASP A 75 16.86 4.13 23.44
N GLY A 76 17.00 5.05 22.48
CA GLY A 76 17.68 6.34 22.76
C GLY A 76 19.18 6.31 22.48
N LYS A 77 19.73 5.15 22.11
CA LYS A 77 21.19 5.05 21.84
C LYS A 77 21.49 5.51 20.42
N PRO A 78 22.71 6.02 20.15
CA PRO A 78 23.05 6.52 18.83
C PRO A 78 22.85 5.52 17.70
N ARG A 79 22.23 5.98 16.61
CA ARG A 79 22.08 5.15 15.38
C ARG A 79 22.74 5.89 14.23
N ALA A 80 23.11 5.13 13.20
CA ALA A 80 23.99 5.66 12.13
C ALA A 80 23.32 6.80 11.36
N MET A 81 21.98 6.83 11.31
CA MET A 81 21.26 7.93 10.64
C MET A 81 20.27 8.55 11.62
N LYS A 82 20.12 9.88 11.58
CA LYS A 82 19.15 10.57 12.47
C LYS A 82 17.73 10.07 12.20
N GLN A 83 17.42 9.72 10.95
CA GLN A 83 16.04 9.28 10.59
C GLN A 83 15.73 7.93 11.25
N TRP A 84 16.72 7.26 11.83
CA TRP A 84 16.44 5.96 12.51
C TRP A 84 16.24 6.19 14.01
N GLU A 85 16.55 7.39 14.51
CA GLU A 85 16.49 7.65 15.98
C GLU A 85 15.08 8.04 16.38
N ARG A 86 14.17 7.09 16.26
CA ARG A 86 12.76 7.31 16.62
C ARG A 86 12.04 5.97 16.58
N ASP A 87 10.87 5.93 17.21
CA ASP A 87 10.03 4.71 17.12
C ASP A 87 9.57 4.59 15.67
N LEU A 88 9.52 3.36 15.15
CA LEU A 88 9.18 3.13 13.73
C LEU A 88 8.16 1.99 13.60
N THR A 89 7.24 2.14 12.67
CA THR A 89 6.36 1.02 12.28
C THR A 89 7.14 0.08 11.35
N LEU A 90 6.53 -1.03 10.92
CA LEU A 90 7.23 -1.88 9.94
C LEU A 90 7.41 -1.09 8.64
N ARG A 91 6.36 -0.42 8.16
CA ARG A 91 6.55 0.36 6.91
C ARG A 91 7.62 1.44 7.13
N GLY A 92 7.57 2.14 8.27
CA GLY A 92 8.56 3.20 8.55
C GLY A 92 9.97 2.64 8.48
N ALA A 93 10.19 1.52 9.17
CA ALA A 93 11.56 0.92 9.21
C ALA A 93 11.99 0.51 7.81
N ILE A 94 11.07 -0.02 7.02
CA ILE A 94 11.42 -0.43 5.63
C ILE A 94 11.69 0.80 4.77
N GLN A 95 10.84 1.82 4.84
CA GLN A 95 10.95 2.98 3.92
C GLN A 95 12.22 3.79 4.20
N VAL A 96 12.65 3.91 5.47
CA VAL A 96 13.91 4.65 5.79
C VAL A 96 15.11 3.68 5.87
N SER A 97 14.91 2.40 5.54
N SER A 97 14.84 2.38 5.65
CA SER A 97 16.00 1.38 5.58
CA SER A 97 15.87 1.31 5.60
C SER A 97 16.68 1.44 6.96
C SER A 97 16.64 1.29 6.92
N ALA A 98 15.92 1.23 8.03
CA ALA A 98 16.47 1.29 9.40
C ALA A 98 17.22 -0.01 9.73
N VAL A 99 18.49 -0.05 9.33
CA VAL A 99 19.33 -1.25 9.54
C VAL A 99 19.22 -1.79 10.97
N PRO A 100 19.40 -1.00 12.05
CA PRO A 100 19.43 -1.59 13.40
C PRO A 100 18.14 -2.33 13.78
N VAL A 101 17.00 -1.88 13.26
CA VAL A 101 15.72 -2.57 13.56
C VAL A 101 15.80 -3.99 12.99
N PHE A 102 16.26 -4.10 11.74
CA PHE A 102 16.36 -5.41 11.04
C PHE A 102 17.53 -6.25 11.59
N GLN A 103 18.57 -5.60 12.13
CA GLN A 103 19.66 -6.39 12.76
C GLN A 103 19.12 -7.10 14.01
N GLN A 104 18.28 -6.40 14.78
CA GLN A 104 17.74 -7.03 16.01
C GLN A 104 16.75 -8.13 15.61
N ILE A 105 15.94 -7.91 14.57
CA ILE A 105 15.01 -8.99 14.09
C ILE A 105 15.86 -10.22 13.70
N ALA A 106 16.94 -10.02 12.94
CA ALA A 106 17.78 -11.16 12.51
C ALA A 106 18.37 -11.87 13.73
N ARG A 107 18.84 -11.12 14.73
CA ARG A 107 19.45 -11.77 15.92
C ARG A 107 18.41 -12.66 16.61
N GLU A 108 17.17 -12.16 16.70
CA GLU A 108 16.10 -12.91 17.41
C GLU A 108 15.66 -14.11 16.56
N VAL A 109 15.60 -13.96 15.23
CA VAL A 109 15.28 -15.12 14.33
C VAL A 109 16.33 -16.20 14.55
N GLY A 110 17.61 -15.81 14.52
CA GLY A 110 18.69 -16.77 14.75
C GLY A 110 19.10 -17.47 13.47
N GLU A 111 20.34 -17.99 13.45
N GLU A 111 20.32 -18.01 13.46
CA GLU A 111 20.94 -18.60 12.23
CA GLU A 111 20.92 -18.60 12.22
C GLU A 111 20.15 -19.81 11.73
C GLU A 111 20.13 -19.82 11.73
N VAL A 112 19.71 -20.70 12.63
CA VAL A 112 18.98 -21.93 12.18
C VAL A 112 17.69 -21.55 11.45
N ARG A 113 16.87 -20.68 12.04
CA ARG A 113 15.61 -20.32 11.36
C ARG A 113 15.90 -19.50 10.10
N MET A 114 16.87 -18.60 10.16
CA MET A 114 17.18 -17.77 8.97
C MET A 114 17.56 -18.68 7.79
N GLN A 115 18.41 -19.69 8.05
CA GLN A 115 18.85 -20.62 6.97
C GLN A 115 17.65 -21.38 6.41
N LYS A 116 16.78 -21.85 7.30
CA LYS A 116 15.59 -22.65 6.88
C LYS A 116 14.71 -21.83 5.94
N TYR A 117 14.41 -20.58 6.30
CA TYR A 117 13.51 -19.76 5.45
C TYR A 117 14.19 -19.36 4.16
N LEU A 118 15.49 -19.07 4.16
CA LEU A 118 16.11 -18.68 2.85
C LEU A 118 16.11 -19.90 1.93
N LYS A 119 16.18 -21.11 2.49
CA LYS A 119 16.07 -22.32 1.63
C LYS A 119 14.63 -22.42 1.10
N LYS A 120 13.64 -22.21 1.96
CA LYS A 120 12.22 -22.29 1.50
C LYS A 120 11.96 -21.24 0.41
N PHE A 121 12.59 -20.08 0.52
CA PHE A 121 12.31 -18.95 -0.40
C PHE A 121 13.19 -19.02 -1.65
N SER A 122 14.11 -19.98 -1.74
CA SER A 122 15.07 -20.06 -2.87
C SER A 122 15.74 -18.69 -3.03
N TYR A 123 16.25 -18.15 -1.93
CA TYR A 123 16.77 -16.76 -1.93
C TYR A 123 18.27 -16.75 -2.26
N GLY A 124 18.57 -16.65 -3.56
CA GLY A 124 19.97 -16.56 -4.03
C GLY A 124 20.83 -17.74 -3.58
N ASN A 125 22.05 -17.43 -3.14
CA ASN A 125 23.00 -18.51 -2.78
C ASN A 125 22.70 -19.01 -1.36
N GLN A 126 21.77 -18.37 -0.66
CA GLN A 126 21.32 -18.80 0.70
C GLN A 126 22.50 -18.85 1.67
N ASN A 127 23.56 -18.07 1.43
CA ASN A 127 24.76 -18.06 2.30
C ASN A 127 24.60 -16.98 3.38
N ILE A 128 24.38 -17.40 4.63
CA ILE A 128 24.14 -16.41 5.73
C ILE A 128 25.35 -16.35 6.66
N SER A 129 26.49 -16.91 6.25
CA SER A 129 27.67 -16.97 7.16
C SER A 129 28.29 -15.58 7.40
N GLY A 130 29.01 -15.45 8.51
CA GLY A 130 29.80 -14.24 8.77
C GLY A 130 29.26 -13.38 9.91
N GLY A 131 28.03 -13.64 10.35
CA GLY A 131 27.44 -12.78 11.39
C GLY A 131 25.95 -12.62 11.15
N ILE A 132 25.15 -13.06 12.10
CA ILE A 132 23.67 -13.08 11.92
C ILE A 132 23.11 -11.67 11.71
N ASP A 133 23.82 -10.64 12.17
CA ASP A 133 23.27 -9.25 12.10
C ASP A 133 23.96 -8.43 11.01
N LYS A 134 24.69 -9.07 10.07
CA LYS A 134 25.33 -8.28 8.99
C LYS A 134 25.57 -9.10 7.72
N PHE A 135 25.11 -10.35 7.64
CA PHE A 135 25.47 -11.18 6.46
C PHE A 135 24.97 -10.57 5.13
N TRP A 136 23.86 -9.84 5.14
CA TRP A 136 23.28 -9.24 3.91
C TRP A 136 23.91 -7.89 3.58
N LEU A 137 24.73 -7.35 4.49
CA LEU A 137 25.33 -5.99 4.36
C LEU A 137 26.78 -6.09 3.89
N GLU A 138 27.47 -7.16 4.26
CA GLU A 138 28.93 -7.14 4.00
C GLU A 138 29.51 -8.54 3.91
N ASP A 139 28.69 -9.59 3.90
CA ASP A 139 29.30 -10.93 3.85
C ASP A 139 29.07 -11.62 2.50
N GLN A 140 28.63 -12.89 2.54
N GLN A 140 28.67 -12.90 2.52
CA GLN A 140 28.67 -13.75 1.34
CA GLN A 140 28.68 -13.73 1.29
C GLN A 140 27.28 -13.96 0.71
C GLN A 140 27.28 -13.98 0.72
N LEU A 141 26.21 -13.43 1.29
CA LEU A 141 24.87 -13.65 0.69
C LEU A 141 24.83 -12.94 -0.68
N ARG A 142 24.35 -13.64 -1.70
CA ARG A 142 24.24 -13.06 -3.07
C ARG A 142 22.95 -13.49 -3.72
N ILE A 143 22.34 -12.61 -4.51
CA ILE A 143 21.07 -12.91 -5.24
C ILE A 143 21.09 -12.12 -6.55
N SER A 144 20.52 -12.69 -7.61
CA SER A 144 20.51 -11.99 -8.92
C SER A 144 19.23 -11.17 -9.10
N ALA A 145 19.22 -10.34 -10.13
CA ALA A 145 17.99 -9.60 -10.48
C ALA A 145 16.88 -10.58 -10.89
N VAL A 146 17.23 -11.63 -11.64
CA VAL A 146 16.18 -12.60 -12.06
C VAL A 146 15.60 -13.28 -10.81
N ASN A 147 16.46 -13.64 -9.86
CA ASN A 147 15.99 -14.32 -8.62
C ASN A 147 15.13 -13.34 -7.81
N GLN A 148 15.47 -12.05 -7.83
CA GLN A 148 14.64 -11.06 -7.09
C GLN A 148 13.23 -11.04 -7.69
N VAL A 149 13.13 -11.04 -9.02
N VAL A 149 13.11 -11.05 -9.01
CA VAL A 149 11.81 -11.06 -9.69
CA VAL A 149 11.75 -11.01 -9.63
C VAL A 149 11.04 -12.31 -9.27
C VAL A 149 11.01 -12.32 -9.35
N GLU A 150 11.70 -13.47 -9.30
CA GLU A 150 11.01 -14.76 -8.97
C GLU A 150 10.50 -14.70 -7.53
N PHE A 151 11.33 -14.17 -6.63
CA PHE A 151 10.97 -14.06 -5.20
C PHE A 151 9.78 -13.11 -5.03
N LEU A 152 9.84 -11.95 -5.68
CA LEU A 152 8.73 -10.94 -5.58
C LEU A 152 7.47 -11.49 -6.23
N GLU A 153 7.61 -12.25 -7.31
CA GLU A 153 6.41 -12.87 -7.92
C GLU A 153 5.77 -13.85 -6.92
N SER A 154 6.58 -14.68 -6.27
CA SER A 154 6.03 -15.61 -5.25
C SER A 154 5.30 -14.82 -4.17
N LEU A 155 5.91 -13.72 -3.71
CA LEU A 155 5.28 -12.88 -2.66
C LEU A 155 3.94 -12.32 -3.18
N TYR A 156 3.95 -11.77 -4.40
CA TYR A 156 2.73 -11.21 -5.03
C TYR A 156 1.60 -12.25 -5.03
N LEU A 157 1.95 -13.50 -5.33
CA LEU A 157 0.97 -14.61 -5.46
C LEU A 157 0.65 -15.27 -4.11
N ASN A 158 1.27 -14.80 -3.01
CA ASN A 158 1.11 -15.41 -1.66
C ASN A 158 1.62 -16.85 -1.69
N LYS A 159 2.58 -17.13 -2.56
CA LYS A 159 3.12 -18.52 -2.71
C LYS A 159 4.37 -18.73 -1.86
N LEU A 160 4.87 -17.73 -1.14
CA LEU A 160 6.03 -18.04 -0.27
C LEU A 160 5.56 -18.94 0.86
N SER A 161 6.51 -19.63 1.50
CA SER A 161 6.22 -20.52 2.65
C SER A 161 6.03 -19.65 3.89
N ALA A 162 4.91 -18.93 3.91
CA ALA A 162 4.55 -18.03 5.01
C ALA A 162 3.05 -17.84 4.95
N SER A 163 2.43 -17.36 6.01
CA SER A 163 0.96 -17.20 5.97
C SER A 163 0.60 -16.14 4.94
N LYS A 164 -0.62 -16.21 4.40
N LYS A 164 -0.63 -16.20 4.41
CA LYS A 164 -1.07 -15.17 3.44
CA LYS A 164 -1.12 -15.19 3.45
C LYS A 164 -1.12 -13.84 4.18
C LYS A 164 -1.15 -13.83 4.17
N GLU A 165 -1.57 -13.84 5.45
CA GLU A 165 -1.63 -12.58 6.26
C GLU A 165 -0.25 -11.92 6.30
N ASN A 166 0.79 -12.71 6.57
CA ASN A 166 2.14 -12.11 6.75
C ASN A 166 2.65 -11.60 5.40
N GLN A 167 2.34 -12.31 4.33
CA GLN A 167 2.77 -11.83 2.99
C GLN A 167 2.04 -10.53 2.68
N LEU A 168 0.75 -10.44 3.00
CA LEU A 168 -0.03 -9.21 2.72
C LEU A 168 0.52 -8.05 3.56
N ILE A 169 0.90 -8.30 4.81
CA ILE A 169 1.43 -7.21 5.69
C ILE A 169 2.69 -6.64 5.04
N VAL A 170 3.57 -7.52 4.56
CA VAL A 170 4.85 -7.01 4.01
C VAL A 170 4.57 -6.30 2.67
N LYS A 171 3.63 -6.81 1.88
CA LYS A 171 3.35 -6.20 0.54
C LYS A 171 2.82 -4.78 0.75
N GLU A 172 1.98 -4.57 1.75
CA GLU A 172 1.44 -3.20 1.95
C GLU A 172 2.57 -2.29 2.45
N ALA A 173 3.47 -2.83 3.27
CA ALA A 173 4.58 -2.01 3.82
C ALA A 173 5.54 -1.59 2.70
N LEU A 174 5.52 -2.29 1.57
CA LEU A 174 6.44 -1.98 0.45
C LEU A 174 5.81 -0.98 -0.53
N VAL A 175 4.55 -0.58 -0.33
CA VAL A 175 3.99 0.40 -1.30
C VAL A 175 4.81 1.69 -1.24
N THR A 176 5.22 2.22 -2.41
CA THR A 176 6.05 3.44 -2.49
C THR A 176 5.40 4.49 -3.40
N GLU A 177 4.50 4.09 -4.30
CA GLU A 177 3.81 5.08 -5.17
C GLU A 177 2.40 4.57 -5.47
N ALA A 178 1.44 5.48 -5.41
CA ALA A 178 0.03 5.15 -5.73
C ALA A 178 -0.50 6.16 -6.73
N ALA A 179 -1.22 5.65 -7.73
CA ALA A 179 -1.92 6.48 -8.73
C ALA A 179 -3.24 5.77 -8.99
N PRO A 180 -4.23 6.43 -9.62
CA PRO A 180 -5.48 5.73 -9.91
C PRO A 180 -5.22 4.48 -10.76
N GLU A 181 -4.18 4.53 -11.59
CA GLU A 181 -3.89 3.45 -12.58
C GLU A 181 -2.97 2.38 -11.99
N TYR A 182 -2.23 2.66 -10.90
CA TYR A 182 -1.32 1.60 -10.41
C TYR A 182 -0.83 1.81 -8.97
N LEU A 183 -0.32 0.72 -8.39
CA LEU A 183 0.41 0.76 -7.11
C LEU A 183 1.82 0.26 -7.41
N VAL A 184 2.82 1.01 -6.98
CA VAL A 184 4.22 0.51 -7.06
C VAL A 184 4.60 -0.01 -5.69
N HIS A 185 5.11 -1.24 -5.62
CA HIS A 185 5.70 -1.82 -4.40
C HIS A 185 7.20 -1.91 -4.68
N SER A 186 8.04 -1.36 -3.83
CA SER A 186 9.48 -1.39 -4.19
C SER A 186 10.38 -1.30 -2.97
N LYS A 187 11.65 -1.65 -3.18
CA LYS A 187 12.66 -1.54 -2.11
C LYS A 187 14.02 -1.21 -2.74
N THR A 188 14.70 -0.21 -2.17
CA THR A 188 16.06 0.13 -2.61
C THR A 188 17.11 -0.65 -1.82
N GLY A 189 18.31 -0.70 -2.37
CA GLY A 189 19.45 -1.29 -1.65
C GLY A 189 20.75 -0.64 -2.13
N PHE A 190 21.73 -0.56 -1.24
CA PHE A 190 23.05 0.05 -1.54
C PHE A 190 24.09 -0.59 -0.63
N SER A 191 25.05 -1.32 -1.20
CA SER A 191 26.05 -2.05 -0.36
C SER A 191 27.08 -1.08 0.19
N GLY A 192 27.31 0.03 -0.51
CA GLY A 192 28.39 0.94 -0.12
C GLY A 192 29.19 1.33 -1.36
N VAL A 193 30.18 2.18 -1.20
CA VAL A 193 30.90 2.70 -2.39
C VAL A 193 32.00 1.75 -2.86
N GLY A 194 32.47 0.84 -2.02
CA GLY A 194 33.62 0.02 -2.46
C GLY A 194 34.73 0.90 -3.01
N THR A 195 35.38 0.46 -4.11
CA THR A 195 36.50 1.23 -4.73
C THR A 195 36.24 1.35 -6.23
N GLU A 196 37.03 2.17 -6.94
CA GLU A 196 36.84 2.29 -8.40
C GLU A 196 36.98 0.91 -9.07
N SER A 197 37.94 0.08 -8.63
CA SER A 197 38.22 -1.25 -9.21
C SER A 197 37.24 -2.32 -8.71
N ASN A 198 36.70 -2.13 -7.50
CA ASN A 198 35.74 -3.11 -6.91
C ASN A 198 34.56 -2.32 -6.36
N PRO A 199 33.72 -1.74 -7.25
CA PRO A 199 32.61 -0.91 -6.80
C PRO A 199 31.54 -1.66 -6.02
N GLY A 200 30.74 -0.89 -5.29
CA GLY A 200 29.58 -1.43 -4.59
C GLY A 200 28.46 -1.70 -5.57
N VAL A 201 27.30 -2.07 -5.04
CA VAL A 201 26.11 -2.35 -5.89
C VAL A 201 24.93 -1.57 -5.33
N ALA A 202 24.11 -1.02 -6.21
CA ALA A 202 22.86 -0.37 -5.81
C ALA A 202 21.71 -1.10 -6.49
N TRP A 203 20.60 -1.22 -5.78
CA TRP A 203 19.41 -1.95 -6.28
C TRP A 203 18.16 -1.10 -6.24
N TRP A 204 17.21 -1.47 -7.11
CA TRP A 204 15.81 -1.07 -6.96
C TRP A 204 14.99 -2.25 -7.46
N VAL A 205 14.21 -2.86 -6.56
CA VAL A 205 13.41 -4.05 -6.98
C VAL A 205 11.95 -3.80 -6.61
N GLY A 206 11.04 -4.43 -7.33
CA GLY A 206 9.63 -4.23 -6.96
C GLY A 206 8.68 -4.76 -8.01
N TRP A 207 7.45 -4.28 -7.94
CA TRP A 207 6.46 -4.69 -8.94
C TRP A 207 5.40 -3.61 -9.04
N VAL A 208 4.71 -3.57 -10.17
CA VAL A 208 3.68 -2.54 -10.44
C VAL A 208 2.36 -3.25 -10.71
N GLU A 209 1.36 -2.99 -9.87
CA GLU A 209 0.01 -3.59 -10.03
C GLU A 209 -0.86 -2.58 -10.77
N LYS A 210 -1.31 -2.94 -11.97
CA LYS A 210 -2.21 -2.05 -12.74
C LYS A 210 -3.63 -2.63 -12.66
N GLU A 211 -4.57 -2.02 -13.37
N GLU A 211 -4.59 -2.03 -13.37
CA GLU A 211 -6.00 -2.42 -13.29
CA GLU A 211 -6.01 -2.47 -13.22
C GLU A 211 -6.18 -3.90 -13.70
C GLU A 211 -6.19 -3.91 -13.69
N THR A 212 -5.41 -4.36 -14.69
CA THR A 212 -5.58 -5.75 -15.22
C THR A 212 -4.25 -6.44 -15.50
N GLU A 213 -3.13 -5.85 -15.09
CA GLU A 213 -1.82 -6.47 -15.42
C GLU A 213 -0.83 -6.19 -14.30
N VAL A 214 0.21 -7.01 -14.19
CA VAL A 214 1.25 -6.80 -13.16
C VAL A 214 2.61 -6.90 -13.85
N TYR A 215 3.54 -6.06 -13.42
CA TYR A 215 4.91 -6.04 -13.97
C TYR A 215 5.90 -6.19 -12.83
N PHE A 216 6.81 -7.15 -12.95
CA PHE A 216 7.86 -7.37 -11.92
C PHE A 216 9.16 -6.79 -12.42
N PHE A 217 9.91 -6.11 -11.53
CA PHE A 217 11.17 -5.51 -12.03
C PHE A 217 12.30 -5.65 -11.00
N ALA A 218 13.52 -5.64 -11.52
CA ALA A 218 14.72 -5.64 -10.66
C ALA A 218 15.84 -4.93 -11.40
N PHE A 219 16.45 -4.00 -10.70
CA PHE A 219 17.56 -3.19 -11.26
C PHE A 219 18.77 -3.27 -10.34
N ASN A 220 19.95 -3.48 -10.90
CA ASN A 220 21.16 -3.22 -10.08
C ASN A 220 22.23 -2.55 -10.96
N MET A 221 23.16 -1.88 -10.30
CA MET A 221 24.23 -1.15 -11.01
C MET A 221 25.46 -1.12 -10.14
N ASP A 222 26.61 -1.01 -10.78
CA ASP A 222 27.88 -0.76 -10.07
C ASP A 222 27.84 0.69 -9.59
N ILE A 223 28.35 0.94 -8.40
CA ILE A 223 28.37 2.32 -7.86
C ILE A 223 29.60 2.51 -6.98
N ASP A 224 30.34 3.59 -7.23
CA ASP A 224 31.55 3.85 -6.39
C ASP A 224 31.47 5.26 -5.79
N ASN A 225 30.31 5.92 -5.96
CA ASN A 225 30.12 7.30 -5.44
C ASN A 225 28.64 7.52 -5.11
N GLU A 226 28.36 7.96 -3.89
CA GLU A 226 26.95 8.19 -3.44
C GLU A 226 26.24 9.18 -4.38
N SER A 227 26.99 10.03 -5.08
CA SER A 227 26.36 11.01 -6.00
C SER A 227 25.57 10.30 -7.11
N LYS A 228 25.84 9.01 -7.36
CA LYS A 228 25.17 8.25 -8.45
C LYS A 228 23.93 7.51 -7.92
N LEU A 229 23.66 7.54 -6.62
CA LEU A 229 22.52 6.76 -6.06
C LEU A 229 21.18 7.06 -6.75
N PRO A 230 20.84 8.31 -7.08
CA PRO A 230 19.55 8.60 -7.73
C PRO A 230 19.29 7.80 -9.02
N LEU A 231 20.36 7.40 -9.71
CA LEU A 231 20.21 6.63 -10.98
C LEU A 231 19.56 5.27 -10.71
N ARG A 232 19.64 4.75 -9.48
CA ARG A 232 19.05 3.41 -9.22
C ARG A 232 17.53 3.48 -9.39
N LYS A 233 16.93 4.66 -9.21
CA LYS A 233 15.48 4.81 -9.49
C LYS A 233 15.25 5.50 -10.85
N SER A 234 16.10 6.45 -11.24
CA SER A 234 15.80 7.24 -12.48
C SER A 234 15.93 6.37 -13.74
N ILE A 235 16.89 5.46 -13.79
CA ILE A 235 17.04 4.64 -15.03
C ILE A 235 15.85 3.70 -15.18
N PRO A 236 15.51 2.86 -14.16
CA PRO A 236 14.35 1.98 -14.30
C PRO A 236 13.04 2.76 -14.45
N THR A 237 12.95 3.95 -13.82
CA THR A 237 11.70 4.75 -13.95
C THR A 237 11.55 5.20 -15.41
N LYS A 238 12.64 5.68 -16.00
CA LYS A 238 12.59 6.14 -17.42
C LYS A 238 12.23 4.96 -18.32
N ILE A 239 12.78 3.77 -18.06
CA ILE A 239 12.43 2.59 -18.90
C ILE A 239 10.95 2.27 -18.73
N MET A 240 10.47 2.16 -17.49
CA MET A 240 9.04 1.78 -17.27
C MET A 240 8.10 2.88 -17.77
N GLU A 241 8.53 4.13 -17.77
CA GLU A 241 7.71 5.23 -18.33
C GLU A 241 7.64 5.05 -19.85
N SER A 242 8.76 4.67 -20.48
CA SER A 242 8.81 4.49 -21.95
C SER A 242 7.93 3.30 -22.35
N GLU A 243 7.72 2.35 -21.43
CA GLU A 243 6.90 1.13 -21.68
C GLU A 243 5.42 1.40 -21.32
N GLY A 244 5.12 2.58 -20.78
CA GLY A 244 3.73 2.94 -20.39
C GLY A 244 3.27 2.24 -19.11
N ILE A 245 4.22 1.72 -18.33
CA ILE A 245 3.88 0.99 -17.07
C ILE A 245 3.55 2.00 -15.96
N ILE A 246 4.40 3.02 -15.78
CA ILE A 246 4.13 4.08 -14.77
C ILE A 246 4.19 5.43 -15.48
N GLY A 247 3.79 6.50 -14.78
CA GLY A 247 3.77 7.85 -15.38
C GLY A 247 2.59 7.99 -16.33
N SER B 1 -12.52 5.40 26.86
CA SER B 1 -13.40 6.49 26.36
C SER B 1 -12.78 7.17 25.14
N ASN B 2 -13.62 7.71 24.26
CA ASN B 2 -13.20 8.52 23.07
C ASN B 2 -14.01 9.81 23.11
N SER B 3 -13.59 10.81 22.32
CA SER B 3 -14.19 12.16 22.44
C SER B 3 -14.25 12.88 21.11
N ILE B 4 -15.07 13.91 21.06
CA ILE B 4 -15.14 14.79 19.86
C ILE B 4 -15.28 16.23 20.33
N THR B 5 -14.67 17.15 19.58
CA THR B 5 -14.72 18.59 19.88
C THR B 5 -15.03 19.31 18.58
N GLU B 6 -15.69 20.47 18.67
CA GLU B 6 -15.97 21.30 17.49
C GLU B 6 -14.91 22.40 17.45
N ASN B 7 -14.29 22.64 16.29
CA ASN B 7 -13.24 23.68 16.15
C ASN B 7 -13.72 24.75 15.17
N THR B 8 -12.97 25.86 15.06
CA THR B 8 -13.29 26.93 14.08
C THR B 8 -12.08 27.16 13.17
N SER B 9 -10.93 26.55 13.50
CA SER B 9 -9.67 26.77 12.72
C SER B 9 -9.81 26.31 11.26
N TRP B 10 -10.81 25.48 10.94
CA TRP B 10 -10.96 24.99 9.53
C TRP B 10 -12.10 25.71 8.80
N ASN B 11 -12.89 26.52 9.50
CA ASN B 11 -14.08 27.17 8.87
C ASN B 11 -13.68 27.96 7.62
N LYS B 12 -12.50 28.58 7.64
CA LYS B 12 -12.01 29.42 6.50
C LYS B 12 -11.81 28.55 5.25
N GLU B 13 -11.65 27.23 5.40
CA GLU B 13 -11.40 26.36 4.22
C GLU B 13 -12.71 26.11 3.47
N PHE B 14 -13.84 26.17 4.18
CA PHE B 14 -15.18 25.91 3.58
C PHE B 14 -15.75 27.21 3.01
N SER B 15 -15.73 28.28 3.82
CA SER B 15 -16.34 29.58 3.43
C SER B 15 -15.66 30.17 2.19
N ALA B 16 -14.35 29.93 2.02
CA ALA B 16 -13.61 30.50 0.87
C ALA B 16 -14.19 29.98 -0.46
N GLU B 17 -14.69 28.75 -0.47
CA GLU B 17 -15.26 28.08 -1.68
C GLU B 17 -16.79 28.07 -1.57
N ALA B 18 -17.36 28.75 -0.57
CA ALA B 18 -18.83 28.82 -0.32
C ALA B 18 -19.38 27.39 -0.21
N VAL B 19 -18.64 26.49 0.45
CA VAL B 19 -19.07 25.07 0.56
C VAL B 19 -19.74 24.77 1.90
N ASN B 20 -20.92 24.14 1.81
N ASN B 20 -20.92 24.13 1.82
CA ASN B 20 -21.60 23.61 3.01
CA ASN B 20 -21.63 23.60 3.00
C ASN B 20 -21.06 22.16 3.09
C ASN B 20 -21.11 22.14 3.13
N GLY B 21 -20.41 21.90 4.27
CA GLY B 21 -19.86 20.53 4.44
C GLY B 21 -19.30 20.29 5.83
N VAL B 22 -18.70 19.13 6.00
CA VAL B 22 -18.13 18.78 7.33
C VAL B 22 -16.86 17.98 7.11
N PHE B 23 -15.91 18.20 8.00
CA PHE B 23 -14.69 17.35 8.06
C PHE B 23 -14.59 16.81 9.47
N VAL B 24 -14.30 15.51 9.58
CA VAL B 24 -14.08 14.83 10.88
C VAL B 24 -12.68 14.24 10.82
N LEU B 25 -11.82 14.61 11.77
CA LEU B 25 -10.43 14.10 11.81
C LEU B 25 -10.17 13.51 13.19
N CYS B 26 -9.79 12.22 13.23
CA CYS B 26 -9.58 11.52 14.52
C CYS B 26 -8.13 11.06 14.64
N LYS B 27 -7.47 11.38 15.75
CA LYS B 27 -6.11 10.90 16.03
C LYS B 27 -6.25 9.61 16.85
N SER B 28 -5.76 8.50 16.33
CA SER B 28 -5.93 7.17 16.99
C SER B 28 -5.33 7.12 18.41
N SER B 29 -4.10 7.60 18.60
CA SER B 29 -3.41 7.46 19.91
C SER B 29 -4.17 8.17 21.02
N SER B 30 -4.81 9.30 20.71
CA SER B 30 -5.49 10.13 21.75
C SER B 30 -6.99 9.79 21.82
N LYS B 31 -7.47 8.96 20.90
CA LYS B 31 -8.91 8.59 20.81
C LYS B 31 -9.74 9.87 20.76
N SER B 32 -9.23 10.90 20.07
CA SER B 32 -9.93 12.20 20.01
C SER B 32 -10.21 12.62 18.56
N CYS B 33 -11.43 13.09 18.32
CA CYS B 33 -11.86 13.58 16.98
C CYS B 33 -12.13 15.08 17.07
N ALA B 34 -11.94 15.77 15.95
CA ALA B 34 -12.26 17.20 15.83
C ALA B 34 -13.09 17.37 14.56
N THR B 35 -14.00 18.34 14.57
CA THR B 35 -14.87 18.60 13.40
C THR B 35 -15.21 20.08 13.36
N ASN B 36 -15.53 20.59 12.17
CA ASN B 36 -16.00 21.99 12.04
C ASN B 36 -17.50 22.08 12.37
N ASP B 37 -18.21 20.94 12.42
CA ASP B 37 -19.69 21.03 12.61
C ASP B 37 -20.20 19.73 13.25
N LEU B 38 -20.40 19.74 14.56
CA LEU B 38 -20.87 18.51 15.28
C LEU B 38 -22.22 18.01 14.71
N ALA B 39 -23.17 18.91 14.44
CA ALA B 39 -24.49 18.45 13.92
C ALA B 39 -24.29 17.75 12.57
N ARG B 40 -23.56 18.39 11.66
CA ARG B 40 -23.43 17.76 10.31
C ARG B 40 -22.54 16.52 10.40
N ALA B 41 -21.58 16.48 11.33
CA ALA B 41 -20.73 15.28 11.52
C ALA B 41 -21.60 14.06 11.86
N SER B 42 -22.72 14.26 12.56
CA SER B 42 -23.62 13.16 12.99
C SER B 42 -24.79 12.98 12.01
N LYS B 43 -24.89 13.82 10.99
CA LYS B 43 -26.03 13.70 10.04
CA LYS B 43 -26.01 13.72 10.02
C LYS B 43 -25.73 12.57 9.04
N GLU B 44 -26.72 11.72 8.83
CA GLU B 44 -26.55 10.56 7.93
C GLU B 44 -26.89 10.93 6.48
N TYR B 45 -26.02 10.56 5.56
CA TYR B 45 -26.14 10.83 4.11
C TYR B 45 -25.98 9.52 3.35
N LEU B 46 -26.55 9.43 2.15
CA LEU B 46 -26.33 8.20 1.35
C LEU B 46 -24.82 8.08 1.11
N PRO B 47 -24.25 6.87 1.19
CA PRO B 47 -22.81 6.68 1.04
C PRO B 47 -22.26 6.72 -0.39
N ALA B 48 -23.11 6.43 -1.38
CA ALA B 48 -22.67 6.32 -2.79
C ALA B 48 -21.48 5.36 -2.86
N SER B 49 -20.42 5.68 -3.63
CA SER B 49 -19.30 4.72 -3.81
C SER B 49 -18.43 4.55 -2.54
N THR B 50 -18.65 5.32 -1.47
CA THR B 50 -17.90 4.95 -0.23
C THR B 50 -18.40 3.57 0.22
N PHE B 51 -19.56 3.13 -0.31
CA PHE B 51 -20.13 1.81 0.07
C PHE B 51 -19.27 0.69 -0.54
N LYS B 52 -18.39 1.02 -1.48
CA LYS B 52 -17.49 -0.02 -2.05
C LYS B 52 -16.61 -0.60 -0.96
N ILE B 53 -16.40 0.13 0.14
CA ILE B 53 -15.52 -0.42 1.21
C ILE B 53 -16.21 -1.60 1.87
N PRO B 54 -17.40 -1.46 2.51
CA PRO B 54 -18.05 -2.63 3.09
C PRO B 54 -18.41 -3.68 2.02
N ASN B 55 -18.78 -3.24 0.82
CA ASN B 55 -19.24 -4.18 -0.24
C ASN B 55 -18.06 -5.07 -0.63
N ALA B 56 -16.85 -4.50 -0.68
CA ALA B 56 -15.64 -5.29 -1.01
C ALA B 56 -15.35 -6.30 0.12
N ILE B 57 -15.43 -5.86 1.38
CA ILE B 57 -15.19 -6.79 2.52
C ILE B 57 -16.21 -7.93 2.48
N ILE B 58 -17.49 -7.59 2.32
CA ILE B 58 -18.59 -8.61 2.29
C ILE B 58 -18.41 -9.52 1.08
N GLY B 59 -18.07 -8.96 -0.07
CA GLY B 59 -17.85 -9.77 -1.28
C GLY B 59 -16.75 -10.78 -1.06
N LEU B 60 -15.66 -10.37 -0.41
CA LEU B 60 -14.55 -11.33 -0.13
C LEU B 60 -14.99 -12.36 0.91
N GLU B 61 -15.67 -11.92 1.97
CA GLU B 61 -16.04 -12.85 3.08
C GLU B 61 -16.99 -13.94 2.58
N THR B 62 -17.94 -13.57 1.73
CA THR B 62 -18.96 -14.51 1.20
C THR B 62 -18.38 -15.36 0.06
N GLY B 63 -17.18 -15.04 -0.42
CA GLY B 63 -16.54 -15.79 -1.51
C GLY B 63 -17.02 -15.35 -2.88
N VAL B 64 -17.84 -14.30 -2.95
CA VAL B 64 -18.35 -13.76 -4.24
C VAL B 64 -17.17 -13.14 -4.99
N ILE B 65 -16.29 -12.45 -4.27
CA ILE B 65 -15.03 -11.89 -4.84
C ILE B 65 -13.94 -12.95 -4.65
N LYS B 66 -13.30 -13.34 -5.76
CA LYS B 66 -12.28 -14.43 -5.79
C LYS B 66 -11.04 -14.05 -4.97
N ASN B 67 -10.30 -13.02 -5.39
CA ASN B 67 -9.10 -12.64 -4.61
C ASN B 67 -8.68 -11.20 -4.97
N GLU B 68 -7.60 -10.74 -4.35
N GLU B 68 -7.60 -10.73 -4.36
CA GLU B 68 -7.07 -9.37 -4.54
CA GLU B 68 -7.11 -9.33 -4.56
C GLU B 68 -6.75 -9.08 -6.01
C GLU B 68 -6.77 -9.09 -6.03
N HIS B 69 -6.24 -10.09 -6.74
CA HIS B 69 -5.79 -9.89 -8.15
C HIS B 69 -6.86 -10.20 -9.19
N GLN B 70 -8.02 -10.73 -8.81
CA GLN B 70 -9.06 -11.04 -9.81
C GLN B 70 -10.42 -11.04 -9.11
N VAL B 71 -11.28 -10.06 -9.44
CA VAL B 71 -12.60 -9.97 -8.76
C VAL B 71 -13.43 -11.20 -9.11
N PHE B 72 -13.61 -11.51 -10.41
CA PHE B 72 -14.46 -12.64 -10.82
C PHE B 72 -13.65 -13.72 -11.53
N LYS B 73 -14.00 -14.99 -11.25
CA LYS B 73 -13.35 -16.18 -11.87
C LYS B 73 -13.73 -16.24 -13.36
N GLU B 85 -14.03 -5.97 -16.94
CA GLU B 85 -12.90 -6.67 -17.60
C GLU B 85 -12.66 -8.01 -16.89
N ARG B 86 -12.16 -9.00 -17.63
CA ARG B 86 -11.94 -10.37 -17.07
C ARG B 86 -10.83 -10.36 -16.02
N ASP B 87 -9.69 -9.73 -16.33
CA ASP B 87 -8.54 -9.72 -15.37
C ASP B 87 -8.56 -8.46 -14.51
N LEU B 88 -9.76 -7.95 -14.18
CA LEU B 88 -9.85 -6.71 -13.34
C LEU B 88 -9.48 -7.06 -11.88
N THR B 89 -8.55 -6.30 -11.30
CA THR B 89 -8.14 -6.49 -9.88
C THR B 89 -9.16 -5.81 -8.96
N LEU B 90 -9.13 -6.14 -7.67
CA LEU B 90 -10.05 -5.45 -6.71
C LEU B 90 -9.75 -3.94 -6.72
N ARG B 91 -8.48 -3.55 -6.69
CA ARG B 91 -8.14 -2.09 -6.68
C ARG B 91 -8.66 -1.44 -7.96
N GLY B 92 -8.52 -2.11 -9.11
CA GLY B 92 -9.02 -1.57 -10.38
C GLY B 92 -10.53 -1.32 -10.32
N ALA B 93 -11.28 -2.22 -9.68
CA ALA B 93 -12.75 -2.09 -9.56
C ALA B 93 -13.11 -0.96 -8.59
N ILE B 94 -12.29 -0.76 -7.56
CA ILE B 94 -12.55 0.33 -6.56
C ILE B 94 -12.25 1.71 -7.19
N GLN B 95 -11.21 1.80 -8.03
CA GLN B 95 -10.83 3.09 -8.66
C GLN B 95 -11.87 3.52 -9.70
N VAL B 96 -11.98 2.79 -10.82
CA VAL B 96 -12.95 3.15 -11.89
C VAL B 96 -14.37 3.06 -11.32
N SER B 97 -15.35 3.69 -11.97
CA SER B 97 -16.75 3.62 -11.50
C SER B 97 -17.14 2.15 -11.24
N ALA B 98 -16.82 1.26 -12.20
CA ALA B 98 -17.10 -0.19 -12.09
C ALA B 98 -18.54 -0.38 -11.58
N VAL B 99 -19.47 0.35 -12.16
CA VAL B 99 -20.91 0.32 -11.76
C VAL B 99 -21.43 -1.12 -11.81
N PRO B 100 -21.33 -1.83 -12.96
CA PRO B 100 -21.84 -3.20 -13.02
C PRO B 100 -21.10 -4.17 -12.08
N VAL B 101 -19.81 -3.93 -11.78
CA VAL B 101 -19.06 -4.87 -10.92
C VAL B 101 -19.68 -4.92 -9.52
N PHE B 102 -19.84 -3.76 -8.87
CA PHE B 102 -20.36 -3.76 -7.48
C PHE B 102 -21.86 -4.07 -7.48
N GLN B 103 -22.54 -3.82 -8.61
CA GLN B 103 -23.96 -4.23 -8.71
C GLN B 103 -24.04 -5.76 -8.62
N GLN B 104 -23.23 -6.47 -9.42
CA GLN B 104 -23.31 -7.96 -9.41
C GLN B 104 -22.76 -8.51 -8.10
N ILE B 105 -21.77 -7.86 -7.46
CA ILE B 105 -21.29 -8.35 -6.15
C ILE B 105 -22.45 -8.29 -5.16
N ALA B 106 -23.18 -7.16 -5.12
CA ALA B 106 -24.31 -6.99 -4.19
C ALA B 106 -25.38 -8.04 -4.50
N ARG B 107 -25.64 -8.30 -5.79
CA ARG B 107 -26.69 -9.28 -6.17
C ARG B 107 -26.29 -10.69 -5.70
N GLU B 108 -25.03 -11.08 -5.86
CA GLU B 108 -24.58 -12.45 -5.46
C GLU B 108 -24.58 -12.55 -3.93
N VAL B 109 -24.27 -11.45 -3.24
CA VAL B 109 -24.28 -11.46 -1.75
C VAL B 109 -25.73 -11.72 -1.30
N GLY B 110 -26.66 -10.90 -1.79
CA GLY B 110 -28.08 -11.09 -1.44
C GLY B 110 -28.49 -10.24 -0.26
N GLU B 111 -29.79 -9.96 -0.14
CA GLU B 111 -30.30 -9.07 0.94
C GLU B 111 -30.04 -9.70 2.31
N VAL B 112 -30.25 -11.01 2.48
CA VAL B 112 -30.09 -11.58 3.85
C VAL B 112 -28.66 -11.39 4.36
N ARG B 113 -27.67 -11.76 3.56
CA ARG B 113 -26.25 -11.66 4.01
C ARG B 113 -25.82 -10.20 4.05
N MET B 114 -26.26 -9.39 3.08
CA MET B 114 -25.90 -7.95 3.09
C MET B 114 -26.43 -7.31 4.39
N GLN B 115 -27.66 -7.68 4.78
CA GLN B 115 -28.27 -7.13 6.03
C GLN B 115 -27.47 -7.62 7.23
N LYS B 116 -27.08 -8.90 7.23
CA LYS B 116 -26.32 -9.49 8.36
C LYS B 116 -25.01 -8.75 8.58
N TYR B 117 -24.24 -8.57 7.51
CA TYR B 117 -22.91 -7.89 7.61
C TYR B 117 -23.04 -6.41 7.95
N LEU B 118 -24.03 -5.69 7.40
CA LEU B 118 -24.15 -4.25 7.77
C LEU B 118 -24.54 -4.14 9.25
N LYS B 119 -25.27 -5.13 9.80
CA LYS B 119 -25.55 -5.09 11.26
C LYS B 119 -24.23 -5.36 12.01
N LYS B 120 -23.45 -6.36 11.57
CA LYS B 120 -22.18 -6.68 12.26
C LYS B 120 -21.24 -5.47 12.22
N PHE B 121 -21.26 -4.75 11.11
CA PHE B 121 -20.34 -3.60 10.89
C PHE B 121 -20.87 -2.31 11.52
N SER B 122 -22.11 -2.32 12.06
CA SER B 122 -22.76 -1.08 12.57
C SER B 122 -22.67 -0.01 11.47
N TYR B 123 -23.09 -0.35 10.26
CA TYR B 123 -22.91 0.56 9.10
C TYR B 123 -24.14 1.45 8.89
N GLY B 124 -24.11 2.66 9.42
CA GLY B 124 -25.18 3.65 9.20
C GLY B 124 -26.51 3.17 9.75
N ASN B 125 -27.58 3.57 9.07
CA ASN B 125 -28.96 3.23 9.52
C ASN B 125 -29.29 1.79 9.13
N GLN B 126 -28.39 1.11 8.40
CA GLN B 126 -28.51 -0.32 8.02
C GLN B 126 -29.80 -0.57 7.22
N ASN B 127 -30.35 0.48 6.60
CA ASN B 127 -31.59 0.32 5.79
C ASN B 127 -31.18 0.04 4.34
N ILE B 128 -31.28 -1.22 3.88
CA ILE B 128 -30.85 -1.53 2.48
C ILE B 128 -32.08 -1.65 1.55
N SER B 129 -33.22 -1.04 1.92
CA SER B 129 -34.40 -1.08 1.03
C SER B 129 -34.12 -0.26 -0.23
N GLY B 130 -34.87 -0.50 -1.31
CA GLY B 130 -34.73 0.27 -2.57
C GLY B 130 -34.11 -0.52 -3.71
N GLY B 131 -33.70 -1.77 -3.47
CA GLY B 131 -33.07 -2.59 -4.54
C GLY B 131 -31.69 -3.07 -4.13
N ILE B 132 -31.45 -4.38 -4.22
CA ILE B 132 -30.17 -4.99 -3.75
C ILE B 132 -28.96 -4.40 -4.50
N ASP B 133 -29.10 -4.00 -5.77
CA ASP B 133 -27.91 -3.52 -6.53
C ASP B 133 -27.86 -1.98 -6.65
N LYS B 134 -28.53 -1.23 -5.77
CA LYS B 134 -28.43 0.25 -5.90
C LYS B 134 -28.86 0.95 -4.59
N PHE B 135 -29.02 0.19 -3.50
CA PHE B 135 -29.52 0.79 -2.23
C PHE B 135 -28.53 1.83 -1.68
N TRP B 136 -27.25 1.77 -2.06
CA TRP B 136 -26.26 2.76 -1.57
C TRP B 136 -26.42 4.10 -2.31
N LEU B 137 -27.40 4.18 -3.23
CA LEU B 137 -27.71 5.41 -4.01
C LEU B 137 -29.20 5.79 -3.85
N GLU B 138 -30.05 4.86 -3.41
CA GLU B 138 -31.53 5.08 -3.32
C GLU B 138 -31.90 6.09 -2.23
N ASP B 139 -30.98 6.36 -1.29
CA ASP B 139 -31.15 7.34 -0.18
C ASP B 139 -31.98 6.72 0.96
N GLN B 140 -32.10 5.39 1.00
CA GLN B 140 -32.68 4.72 2.19
C GLN B 140 -31.51 4.42 3.12
N LEU B 141 -30.43 3.83 2.58
CA LEU B 141 -29.20 3.60 3.40
C LEU B 141 -28.51 4.95 3.58
N ARG B 142 -28.21 5.32 4.82
CA ARG B 142 -27.53 6.60 5.11
C ARG B 142 -26.51 6.37 6.22
N ILE B 143 -25.39 7.09 6.18
CA ILE B 143 -24.33 6.94 7.20
C ILE B 143 -23.73 8.31 7.49
N SER B 144 -23.34 8.56 8.75
CA SER B 144 -22.74 9.87 9.12
C SER B 144 -21.23 9.84 8.97
N ALA B 145 -20.62 11.03 8.92
CA ALA B 145 -19.13 11.11 8.91
C ALA B 145 -18.55 10.44 10.16
N VAL B 146 -19.15 10.66 11.33
CA VAL B 146 -18.63 9.99 12.56
C VAL B 146 -18.72 8.46 12.39
N ASN B 147 -19.84 7.95 11.87
CA ASN B 147 -19.97 6.48 11.67
C ASN B 147 -18.89 6.01 10.69
N GLN B 148 -18.62 6.77 9.63
CA GLN B 148 -17.56 6.38 8.66
C GLN B 148 -16.21 6.25 9.40
N VAL B 149 -15.83 7.21 10.24
CA VAL B 149 -14.49 7.11 10.89
C VAL B 149 -14.49 5.95 11.89
N GLU B 150 -15.63 5.64 12.52
CA GLU B 150 -15.70 4.50 13.48
C GLU B 150 -15.51 3.21 12.70
N PHE B 151 -16.18 3.12 11.56
CA PHE B 151 -16.10 1.92 10.69
C PHE B 151 -14.67 1.73 10.16
N LEU B 152 -14.06 2.81 9.68
CA LEU B 152 -12.66 2.71 9.15
C LEU B 152 -11.68 2.38 10.28
N GLU B 153 -11.88 2.89 11.50
CA GLU B 153 -10.97 2.50 12.60
C GLU B 153 -11.10 0.99 12.85
N SER B 154 -12.32 0.46 12.84
CA SER B 154 -12.49 -1.00 13.01
C SER B 154 -11.77 -1.75 11.89
N LEU B 155 -11.86 -1.27 10.65
CA LEU B 155 -11.15 -1.94 9.52
C LEU B 155 -9.64 -1.88 9.74
N TYR B 156 -9.13 -0.71 10.11
CA TYR B 156 -7.69 -0.54 10.35
C TYR B 156 -7.19 -1.55 11.39
N LEU B 157 -7.97 -1.77 12.45
CA LEU B 157 -7.60 -2.70 13.55
C LEU B 157 -7.98 -4.15 13.23
N ASN B 158 -8.52 -4.44 12.04
CA ASN B 158 -8.95 -5.81 11.66
C ASN B 158 -10.05 -6.29 12.62
N LYS B 159 -10.84 -5.35 13.15
CA LYS B 159 -11.87 -5.69 14.17
C LYS B 159 -13.25 -5.89 13.54
N LEU B 160 -13.41 -5.70 12.23
CA LEU B 160 -14.72 -6.02 11.61
C LEU B 160 -14.92 -7.53 11.66
N SER B 161 -16.18 -7.95 11.54
CA SER B 161 -16.54 -9.39 11.53
C SER B 161 -16.22 -9.98 10.16
N ALA B 162 -14.92 -10.10 9.86
CA ALA B 162 -14.41 -10.63 8.58
C ALA B 162 -13.01 -11.19 8.83
N SER B 163 -12.50 -12.03 7.93
CA SER B 163 -11.14 -12.58 8.15
C SER B 163 -10.12 -11.44 8.14
N LYS B 164 -9.02 -11.63 8.87
CA LYS B 164 -7.93 -10.63 8.87
C LYS B 164 -7.42 -10.46 7.43
N GLU B 165 -7.28 -11.58 6.72
CA GLU B 165 -6.80 -11.55 5.31
C GLU B 165 -7.70 -10.65 4.45
N ASN B 166 -9.02 -10.80 4.59
CA ASN B 166 -9.94 -10.02 3.73
C ASN B 166 -9.85 -8.53 4.11
N GLN B 167 -9.66 -8.24 5.39
CA GLN B 167 -9.54 -6.81 5.81
C GLN B 167 -8.24 -6.23 5.26
N LEU B 168 -7.15 -7.02 5.31
CA LEU B 168 -5.85 -6.55 4.78
C LEU B 168 -5.95 -6.32 3.27
N ILE B 169 -6.64 -7.21 2.55
CA ILE B 169 -6.77 -7.04 1.07
C ILE B 169 -7.48 -5.72 0.77
N VAL B 170 -8.54 -5.41 1.50
CA VAL B 170 -9.31 -4.18 1.20
C VAL B 170 -8.45 -2.97 1.61
N LYS B 171 -7.75 -3.07 2.73
CA LYS B 171 -6.90 -1.94 3.18
C LYS B 171 -5.88 -1.60 2.09
N GLU B 172 -5.20 -2.61 1.52
CA GLU B 172 -4.20 -2.31 0.46
C GLU B 172 -4.89 -1.77 -0.79
N ALA B 173 -6.07 -2.30 -1.14
CA ALA B 173 -6.78 -1.85 -2.36
C ALA B 173 -7.18 -0.37 -2.25
N LEU B 174 -7.31 0.13 -1.02
CA LEU B 174 -7.72 1.53 -0.79
C LEU B 174 -6.53 2.50 -0.76
N VAL B 175 -5.30 2.01 -0.92
CA VAL B 175 -4.16 2.99 -0.89
C VAL B 175 -4.29 3.95 -2.09
N THR B 176 -4.19 5.25 -1.83
CA THR B 176 -4.35 6.26 -2.92
C THR B 176 -3.15 7.22 -2.96
N GLU B 177 -2.37 7.28 -1.89
CA GLU B 177 -1.13 8.12 -1.94
C GLU B 177 -0.07 7.48 -1.06
N ALA B 178 1.18 7.49 -1.53
CA ALA B 178 2.27 6.91 -0.74
C ALA B 178 3.44 7.90 -0.71
N ALA B 179 4.01 8.05 0.48
CA ALA B 179 5.23 8.87 0.67
C ALA B 179 6.10 8.11 1.65
N PRO B 180 7.39 8.46 1.80
CA PRO B 180 8.24 7.73 2.73
C PRO B 180 7.69 7.76 4.17
N GLU B 181 7.02 8.86 4.55
CA GLU B 181 6.56 9.02 5.95
C GLU B 181 5.08 8.64 6.11
N TYR B 182 4.33 8.46 5.02
CA TYR B 182 2.90 8.14 5.24
C TYR B 182 2.28 7.39 4.07
N LEU B 183 1.15 6.75 4.38
CA LEU B 183 0.31 6.03 3.40
C LEU B 183 -1.12 6.54 3.59
N VAL B 184 -1.73 7.04 2.52
CA VAL B 184 -3.16 7.45 2.57
C VAL B 184 -4.01 6.35 1.98
N HIS B 185 -5.01 5.90 2.74
CA HIS B 185 -6.05 4.97 2.25
C HIS B 185 -7.32 5.80 2.12
N SER B 186 -8.02 5.74 0.99
CA SER B 186 -9.20 6.64 0.87
C SER B 186 -10.20 6.12 -0.15
N LYS B 187 -11.39 6.71 -0.12
CA LYS B 187 -12.46 6.37 -1.07
C LYS B 187 -13.36 7.59 -1.25
N THR B 188 -13.66 7.91 -2.52
CA THR B 188 -14.58 9.01 -2.86
C THR B 188 -16.00 8.47 -3.03
N GLY B 189 -16.97 9.37 -2.92
CA GLY B 189 -18.37 9.05 -3.22
C GLY B 189 -19.06 10.29 -3.74
N PHE B 190 -20.04 10.12 -4.63
CA PHE B 190 -20.80 11.27 -5.21
C PHE B 190 -22.18 10.77 -5.63
N SER B 191 -23.23 11.33 -5.02
CA SER B 191 -24.63 10.90 -5.28
C SER B 191 -25.14 11.49 -6.58
N GLY B 192 -24.52 12.58 -7.03
CA GLY B 192 -24.98 13.37 -8.20
C GLY B 192 -25.22 14.81 -7.80
N VAL B 193 -25.73 15.65 -8.70
CA VAL B 193 -25.89 17.10 -8.41
C VAL B 193 -27.23 17.42 -7.73
N GLY B 194 -28.19 16.47 -7.68
CA GLY B 194 -29.49 16.76 -7.06
C GLY B 194 -30.11 18.04 -7.62
N THR B 195 -30.59 18.94 -6.74
CA THR B 195 -31.16 20.25 -7.15
C THR B 195 -30.66 21.34 -6.19
N GLU B 196 -31.10 22.59 -6.38
CA GLU B 196 -30.66 23.71 -5.51
C GLU B 196 -31.26 23.54 -4.10
N SER B 197 -32.53 23.14 -4.02
CA SER B 197 -33.22 22.97 -2.71
C SER B 197 -32.80 21.66 -2.03
N ASN B 198 -32.45 20.65 -2.83
CA ASN B 198 -32.06 19.31 -2.33
C ASN B 198 -30.76 18.90 -3.03
N PRO B 199 -29.61 19.47 -2.62
CA PRO B 199 -28.34 19.18 -3.29
C PRO B 199 -27.88 17.74 -3.09
N GLY B 200 -26.99 17.30 -3.98
CA GLY B 200 -26.37 15.96 -3.86
C GLY B 200 -25.31 15.98 -2.77
N VAL B 201 -24.70 14.83 -2.51
CA VAL B 201 -23.63 14.79 -1.48
C VAL B 201 -22.36 14.22 -2.12
N ALA B 202 -21.21 14.80 -1.76
CA ALA B 202 -19.89 14.27 -2.21
C ALA B 202 -19.09 13.93 -0.97
N TRP B 203 -18.46 12.76 -0.98
CA TRP B 203 -17.66 12.25 0.15
C TRP B 203 -16.18 12.07 -0.20
N TRP B 204 -15.37 12.16 0.85
CA TRP B 204 -13.98 11.62 0.81
C TRP B 204 -13.71 11.06 2.21
N VAL B 205 -13.48 9.75 2.31
CA VAL B 205 -13.24 9.14 3.64
C VAL B 205 -11.97 8.32 3.56
N GLY B 206 -11.30 8.14 4.69
CA GLY B 206 -10.09 7.31 4.65
C GLY B 206 -9.28 7.43 5.91
N TRP B 207 -8.01 7.06 5.79
CA TRP B 207 -7.13 7.25 6.96
C TRP B 207 -5.70 7.42 6.48
N VAL B 208 -4.86 7.95 7.37
CA VAL B 208 -3.43 8.21 7.04
C VAL B 208 -2.57 7.53 8.10
N GLU B 209 -1.68 6.65 7.66
CA GLU B 209 -0.69 6.02 8.57
C GLU B 209 0.57 6.87 8.43
N LYS B 210 0.81 7.74 9.41
CA LYS B 210 1.90 8.76 9.38
C LYS B 210 2.87 8.45 10.51
N GLU B 211 4.05 7.93 10.17
CA GLU B 211 5.01 7.49 11.23
C GLU B 211 4.21 6.54 12.12
N THR B 212 4.23 6.73 13.45
CA THR B 212 3.51 5.76 14.33
C THR B 212 2.09 6.25 14.63
N GLU B 213 1.71 7.43 14.13
N GLU B 213 1.71 7.42 14.11
CA GLU B 213 0.33 7.92 14.40
CA GLU B 213 0.34 7.97 14.36
C GLU B 213 -0.61 7.49 13.26
C GLU B 213 -0.61 7.52 13.25
N VAL B 214 -1.90 7.41 13.56
CA VAL B 214 -2.92 7.07 12.53
C VAL B 214 -4.04 8.09 12.67
N TYR B 215 -4.44 8.66 11.54
CA TYR B 215 -5.50 9.70 11.50
C TYR B 215 -6.63 9.17 10.63
N PHE B 216 -7.83 9.08 11.20
CA PHE B 216 -9.02 8.69 10.41
C PHE B 216 -9.76 9.95 10.00
N PHE B 217 -10.30 9.96 8.78
CA PHE B 217 -11.00 11.19 8.33
C PHE B 217 -12.25 10.85 7.52
N ALA B 218 -13.20 11.78 7.56
CA ALA B 218 -14.42 11.69 6.76
C ALA B 218 -14.86 13.11 6.43
N PHE B 219 -15.02 13.35 5.14
CA PHE B 219 -15.46 14.65 4.60
C PHE B 219 -16.74 14.45 3.78
N ASN B 220 -17.72 15.35 3.93
CA ASN B 220 -18.85 15.35 2.97
C ASN B 220 -19.27 16.78 2.74
N MET B 221 -19.88 17.03 1.58
CA MET B 221 -20.34 18.39 1.24
C MET B 221 -21.59 18.33 0.37
N ASP B 222 -22.40 19.40 0.44
CA ASP B 222 -23.53 19.56 -0.50
C ASP B 222 -22.96 19.88 -1.88
N ILE B 223 -23.53 19.30 -2.92
CA ILE B 223 -23.01 19.61 -4.30
C ILE B 223 -24.21 19.70 -5.25
N ASP B 224 -24.32 20.82 -5.95
CA ASP B 224 -25.42 21.04 -6.93
C ASP B 224 -24.80 21.35 -8.30
N ASN B 225 -23.51 21.05 -8.46
CA ASN B 225 -22.78 21.35 -9.72
C ASN B 225 -21.47 20.54 -9.72
N GLU B 226 -21.25 19.70 -10.75
CA GLU B 226 -20.03 18.86 -10.80
C GLU B 226 -18.77 19.75 -10.81
N SER B 227 -18.93 21.03 -11.13
CA SER B 227 -17.83 22.02 -11.11
C SER B 227 -17.14 22.04 -9.74
N LYS B 228 -17.90 21.75 -8.68
CA LYS B 228 -17.41 21.81 -7.28
C LYS B 228 -16.79 20.49 -6.83
N LEU B 229 -16.91 19.43 -7.63
CA LEU B 229 -16.45 18.08 -7.22
C LEU B 229 -14.99 18.08 -6.76
N PRO B 230 -14.04 18.80 -7.40
CA PRO B 230 -12.65 18.79 -6.94
C PRO B 230 -12.47 19.22 -5.48
N LEU B 231 -13.44 19.98 -4.95
CA LEU B 231 -13.36 20.50 -3.56
C LEU B 231 -13.48 19.35 -2.54
N ARG B 232 -14.05 18.21 -2.94
CA ARG B 232 -14.22 17.07 -2.00
C ARG B 232 -12.83 16.58 -1.55
N LYS B 233 -11.81 16.76 -2.39
CA LYS B 233 -10.45 16.35 -1.98
C LYS B 233 -9.64 17.58 -1.57
N SER B 234 -9.83 18.72 -2.22
CA SER B 234 -8.93 19.87 -1.92
C SER B 234 -9.18 20.43 -0.52
N ILE B 235 -10.42 20.49 -0.05
CA ILE B 235 -10.69 21.06 1.29
C ILE B 235 -10.05 20.17 2.37
N PRO B 236 -10.37 18.87 2.44
CA PRO B 236 -9.74 18.00 3.42
C PRO B 236 -8.21 17.93 3.27
N THR B 237 -7.71 17.93 2.03
CA THR B 237 -6.23 17.93 1.83
C THR B 237 -5.62 19.18 2.46
N LYS B 238 -6.24 20.35 2.26
CA LYS B 238 -5.65 21.59 2.84
C LYS B 238 -5.69 21.52 4.37
N ILE B 239 -6.78 21.01 4.94
CA ILE B 239 -6.87 20.88 6.43
C ILE B 239 -5.77 19.93 6.93
N MET B 240 -5.64 18.76 6.30
CA MET B 240 -4.63 17.78 6.80
C MET B 240 -3.21 18.29 6.53
N GLU B 241 -3.01 19.08 5.46
CA GLU B 241 -1.68 19.69 5.20
C GLU B 241 -1.39 20.72 6.31
N SER B 242 -2.40 21.54 6.67
CA SER B 242 -2.21 22.56 7.72
C SER B 242 -1.96 21.87 9.08
N GLU B 243 -2.42 20.63 9.25
CA GLU B 243 -2.24 19.88 10.51
C GLU B 243 -0.86 19.19 10.51
N GLY B 244 -0.16 19.23 9.38
CA GLY B 244 1.19 18.61 9.25
C GLY B 244 1.13 17.10 9.03
N ILE B 245 -0.05 16.58 8.67
CA ILE B 245 -0.27 15.11 8.50
C ILE B 245 0.23 14.64 7.12
N ILE B 246 -0.20 15.31 6.06
CA ILE B 246 0.25 14.97 4.69
C ILE B 246 0.91 16.20 4.05
N GLY B 247 1.56 16.00 2.90
CA GLY B 247 2.24 17.11 2.19
C GLY B 247 3.59 17.42 2.81
C1 GOL C . 27.90 -19.77 -4.80
O1 GOL C . 26.72 -20.56 -4.66
C2 GOL C . 28.07 -18.79 -3.66
O2 GOL C . 28.52 -17.54 -4.17
C3 GOL C . 29.02 -19.28 -2.58
O3 GOL C . 28.42 -19.25 -1.29
C1 GOL D . 6.83 -26.08 4.15
O1 GOL D . 6.69 -25.27 5.31
C2 GOL D . 6.74 -25.25 2.88
O2 GOL D . 7.77 -25.62 1.99
C3 GOL D . 5.39 -25.35 2.20
O3 GOL D . 4.74 -24.08 2.12
S SO4 E . 19.02 2.09 0.99
O1 SO4 E . 19.68 1.48 2.12
O2 SO4 E . 19.57 1.57 -0.24
O3 SO4 E . 19.22 3.51 1.01
O4 SO4 E . 17.62 1.79 1.03
S SO4 F . 31.62 -11.97 -5.59
O1 SO4 F . 31.41 -10.80 -6.38
O2 SO4 F . 32.65 -12.78 -6.19
O3 SO4 F . 30.40 -12.73 -5.53
O4 SO4 F . 32.03 -11.60 -4.26
S SO4 G . -2.24 -19.47 5.25
O1 SO4 G . -1.55 -19.90 6.44
O2 SO4 G . -1.54 -19.94 4.09
O3 SO4 G . -2.30 -18.03 5.23
O4 SO4 G . -3.58 -20.01 5.25
S SO4 H . -4.53 -16.52 -3.05
O1 SO4 H . -4.82 -17.52 -4.05
O2 SO4 H . -3.39 -16.92 -2.28
O3 SO4 H . -5.67 -16.36 -2.18
O4 SO4 H . -4.25 -15.27 -3.70
S SO4 I . 9.49 -21.25 13.31
O1 SO4 I . 10.21 -22.46 13.52
O2 SO4 I . 10.01 -20.59 12.15
O3 SO4 I . 8.10 -21.54 13.13
O4 SO4 I . 9.66 -20.39 14.47
S SO4 J . 16.31 7.49 -2.91
O1 SO4 J . 17.59 7.14 -3.46
O2 SO4 J . 15.56 8.22 -3.90
O3 SO4 J . 16.47 8.31 -1.74
O4 SO4 J . 15.60 6.29 -2.57
S SO4 K . 22.14 11.74 8.87
O1 SO4 K . 23.32 11.03 8.44
O2 SO4 K . 21.09 11.56 7.90
O3 SO4 K . 22.45 13.15 8.97
O4 SO4 K . 21.72 11.25 10.14
S SO4 L . 8.92 -25.99 9.70
O1 SO4 L . 10.05 -26.26 10.55
O2 SO4 L . 8.93 -26.89 8.57
O3 SO4 L . 8.99 -24.63 9.24
O4 SO4 L . 7.70 -26.18 10.46
S SO4 M . 41.02 -2.29 -4.80
O1 SO4 M . 41.80 -2.97 -5.79
O2 SO4 M . 41.51 -2.62 -3.49
O3 SO4 M . 39.65 -2.71 -4.90
O4 SO4 M . 41.11 -0.87 -5.00
S SO4 N . -0.89 -2.07 -18.96
O1 SO4 N . -0.58 -3.47 -18.99
O2 SO4 N . 0.31 -1.32 -18.75
O3 SO4 N . -1.49 -1.68 -20.21
O4 SO4 N . -1.82 -1.81 -17.88
S SO4 O . 7.56 -5.05 21.75
O1 SO4 O . 6.51 -5.62 20.95
O2 SO4 O . 8.82 -5.28 21.10
O3 SO4 O . 7.34 -3.64 21.91
O4 SO4 O . 7.58 -5.69 23.04
S SO4 P . -4.43 11.57 -7.63
O1 SO4 P . -2.99 11.52 -7.52
O2 SO4 P . -4.80 11.39 -9.01
O3 SO4 P . -4.90 12.84 -7.16
O4 SO4 P . -5.01 10.52 -6.84
C1 GOL Q . -27.79 20.03 5.24
O1 GOL Q . -27.38 18.68 5.12
C2 GOL Q . -27.28 20.68 6.51
O2 GOL Q . -27.56 19.83 7.62
C3 GOL Q . -25.79 20.97 6.47
O3 GOL Q . -25.42 21.98 7.41
S SO4 R . -11.53 14.16 -7.73
O1 SO4 R . -10.80 12.92 -7.67
O2 SO4 R . -10.68 15.19 -8.27
O3 SO4 R . -12.68 13.99 -8.58
O4 SO4 R . -11.96 14.53 -6.40
S SO4 S . -16.99 9.15 -7.29
O1 SO4 S . -15.82 8.31 -7.28
O2 SO4 S . -16.83 10.20 -8.26
O3 SO4 S . -18.14 8.35 -7.62
O4 SO4 S . -17.17 9.73 -5.99
S SO4 T . -21.94 -16.61 4.45
O1 SO4 T . -21.51 -16.32 3.10
O2 SO4 T . -20.88 -17.28 5.15
O3 SO4 T . -23.10 -17.46 4.39
O4 SO4 T . -22.27 -15.39 5.13
S SO4 U . -22.48 -16.02 9.83
O1 SO4 U . -21.59 -17.15 9.74
O2 SO4 U . -21.92 -14.91 9.12
O3 SO4 U . -23.75 -16.37 9.24
O4 SO4 U . -22.68 -15.67 11.21
S SO4 V . -9.18 -14.58 11.11
O1 SO4 V . -8.37 -15.54 11.81
O2 SO4 V . -8.47 -14.11 9.96
O3 SO4 V . -9.46 -13.47 11.99
O4 SO4 V . -10.42 -15.19 10.71
S SO4 W . -3.69 -7.56 14.59
O1 SO4 W . -3.16 -8.89 14.43
O2 SO4 W . -3.08 -6.68 13.64
O3 SO4 W . -5.12 -7.59 14.38
O4 SO4 W . -3.41 -7.11 15.93
S SO4 X . -31.54 -13.50 -0.51
O1 SO4 X . -32.12 -14.79 -0.22
O2 SO4 X . -30.71 -13.58 -1.69
O3 SO4 X . -32.59 -12.54 -0.75
O4 SO4 X . -30.74 -13.08 0.60
S SO4 Y . 9.40 9.38 -3.15
O1 SO4 Y . 9.77 8.50 -4.22
O2 SO4 Y . 10.39 9.30 -2.10
O3 SO4 Y . 8.11 9.00 -2.63
O4 SO4 Y . 9.34 10.74 -3.63
S SO4 Z . -12.88 3.55 23.59
O1 SO4 Z . -11.68 3.64 24.36
O2 SO4 Z . -12.61 3.89 22.22
O3 SO4 Z . -13.87 4.46 24.11
O4 SO4 Z . -13.40 2.21 23.66
S SO4 AA . -37.20 -3.32 -0.85
O1 SO4 AA . -37.97 -4.39 -1.42
O2 SO4 AA . -35.81 -3.72 -0.80
O3 SO4 AA . -37.33 -2.14 -1.66
O4 SO4 AA . -37.66 -3.05 0.48
#